data_5WT9
#
_entry.id   5WT9
#
_cell.length_a   108.527
_cell.length_b   108.527
_cell.length_c   145.423
_cell.angle_alpha   90.00
_cell.angle_beta   90.00
_cell.angle_gamma   90.00
#
_symmetry.space_group_name_H-M   'P 43 21 2'
#
loop_
_entity.id
_entity.type
_entity.pdbx_description
1 polymer 'Heavy Chain of Nivolumab'
2 polymer 'Light Chain of Nivolumab'
3 polymer 'Programmed cell death protein 1'
4 branched 2-acetamido-2-deoxy-beta-D-glucopyranose-(1-4)-[alpha-L-fucopyranose-(1-6)]2-acetamido-2-deoxy-beta-D-glucopyranose
5 water water
#
loop_
_entity_poly.entity_id
_entity_poly.type
_entity_poly.pdbx_seq_one_letter_code
_entity_poly.pdbx_strand_id
1 'polypeptide(L)'
;QVQLVESGGGVVQPGRSLRLDCKASGITFSNSGMHWVRQAPGKGLEWVAVIWYDGSKRYYADSVKGRFTISRDNSKNTLF
LQMNSLRAEDTAVYYCATNDDYWGQGTLVTVSSASTKGPSVFPLAPCSRSTSESTAALGCLVKDYFPEPVTVSWNSGALT
SGVHTFPAVLQSSGLYSLSSVVTVPSSSLGTKTYTCNVDHKPSNTKVDKRVESKYGPPCP
;
H
2 'polypeptide(L)'
;STGEIVLTQSPATLSLSPGERATLSCRASQSVSSYLAWYQQKPGQAPRLLIYDASNRATGIPARFSGSGSGTDFTLTISS
LEPEDFAVYYCQQSSNWPRTFGQGTKVEIKRTVAAPSVFIFPPSDEQLKSGTASVVCLLNNFYPREAKVQWKVDNALQSG
NSQESVTEQDSKDSTYSLSSTLTLSKADYEKHKVYACEVTHQGLSSPVTKSFNRGEC
;
L
3 'polypeptide(L)'
;MQIPQAPWPVVWAVLQLGWRPGWFLDSPDRPWNPPTFSPALLVVTEGDNATFTCSFSNTSESFVLNWYRMSPSNQTDKLA
AFPEDRSQPGQDCRFRVTQLPNGRDFHMSVVRARRNDSGTYLCGAISLAPKAQIKESLRAELRVTERRAEVPTAHPSPSP
RPAGQFQHHHHHH
;
G
#
# COMPACT_ATOMS: atom_id res chain seq x y z
N GLN A 1 1.95 14.63 12.42
CA GLN A 1 1.20 14.95 13.65
C GLN A 1 -0.32 14.72 13.49
N VAL A 2 -0.76 14.61 12.23
CA VAL A 2 -2.08 14.06 11.94
C VAL A 2 -1.96 12.55 12.01
N GLN A 3 -2.90 11.91 12.69
CA GLN A 3 -2.79 10.48 12.88
C GLN A 3 -4.16 9.80 12.86
N LEU A 4 -4.24 8.71 12.11
CA LEU A 4 -5.41 7.85 12.06
C LEU A 4 -5.01 6.49 12.59
N VAL A 5 -5.72 5.99 13.60
CA VAL A 5 -5.35 4.73 14.23
C VAL A 5 -6.57 3.83 14.27
N GLU A 6 -6.49 2.72 13.54
CA GLU A 6 -7.52 1.68 13.57
C GLU A 6 -7.27 0.74 14.73
N SER A 7 -8.35 0.30 15.38
CA SER A 7 -8.28 -0.73 16.39
C SER A 7 -9.48 -1.66 16.23
N GLY A 8 -9.43 -2.78 16.95
CA GLY A 8 -10.46 -3.80 16.88
C GLY A 8 -10.17 -4.96 15.94
N GLY A 9 -9.02 -4.99 15.29
CA GLY A 9 -8.72 -6.07 14.39
C GLY A 9 -8.48 -7.37 15.14
N GLY A 10 -8.42 -8.45 14.39
CA GLY A 10 -8.11 -9.71 15.00
C GLY A 10 -8.89 -10.82 14.33
N VAL A 11 -9.02 -11.90 15.05
CA VAL A 11 -9.61 -13.14 14.56
C VAL A 11 -11.09 -13.15 14.89
N VAL A 12 -11.90 -13.62 13.94
CA VAL A 12 -13.33 -13.68 14.16
C VAL A 12 -13.88 -14.86 13.38
N GLN A 13 -14.79 -15.62 13.99
CA GLN A 13 -15.27 -16.81 13.32
C GLN A 13 -16.31 -16.46 12.25
N PRO A 14 -16.43 -17.27 11.21
CA PRO A 14 -17.42 -16.99 10.16
C PRO A 14 -18.85 -16.97 10.69
N GLY A 15 -19.64 -16.05 10.15
CA GLY A 15 -20.98 -15.75 10.62
C GLY A 15 -21.05 -14.76 11.77
N ARG A 16 -19.96 -14.53 12.48
CA ARG A 16 -20.03 -13.66 13.64
C ARG A 16 -19.72 -12.21 13.27
N SER A 17 -19.64 -11.35 14.28
CA SER A 17 -19.55 -9.92 14.11
C SER A 17 -18.25 -9.39 14.71
N LEU A 18 -17.85 -8.22 14.21
CA LEU A 18 -16.68 -7.52 14.71
C LEU A 18 -16.84 -6.05 14.38
N ARG A 19 -16.44 -5.17 15.30
CA ARG A 19 -16.50 -3.73 15.10
C ARG A 19 -15.11 -3.12 15.11
N LEU A 20 -14.80 -2.32 14.10
CA LEU A 20 -13.54 -1.57 14.00
C LEU A 20 -13.75 -0.13 14.46
N ASP A 21 -12.72 0.42 15.10
CA ASP A 21 -12.66 1.83 15.48
C ASP A 21 -11.54 2.50 14.70
N CYS A 22 -11.70 3.78 14.43
CA CYS A 22 -10.64 4.59 13.87
C CYS A 22 -10.65 5.90 14.66
N LYS A 23 -9.58 6.17 15.39
CA LYS A 23 -9.45 7.38 16.19
C LYS A 23 -8.61 8.38 15.41
N ALA A 24 -9.13 9.58 15.24
CA ALA A 24 -8.44 10.64 14.52
C ALA A 24 -7.85 11.64 15.49
N SER A 25 -6.67 12.14 15.18
CA SER A 25 -6.04 13.18 15.94
C SER A 25 -5.26 14.11 15.04
N GLY A 26 -5.26 15.39 15.35
CA GLY A 26 -4.56 16.39 14.58
C GLY A 26 -5.40 17.07 13.53
N ILE A 27 -6.68 16.73 13.43
CA ILE A 27 -7.59 17.31 12.46
C ILE A 27 -8.87 17.65 13.19
N THR A 28 -9.69 18.51 12.58
CA THR A 28 -11.05 18.70 13.11
C THR A 28 -11.89 17.63 12.44
N PHE A 29 -12.05 16.51 13.16
CA PHE A 29 -12.67 15.31 12.62
C PHE A 29 -14.00 15.62 11.95
N SER A 30 -14.81 16.48 12.55
CA SER A 30 -16.17 16.69 12.05
C SER A 30 -16.21 17.55 10.80
N ASN A 31 -15.05 17.88 10.21
CA ASN A 31 -15.03 18.45 8.87
C ASN A 31 -14.82 17.40 7.79
N SER A 32 -14.41 16.19 8.14
CA SER A 32 -13.93 15.24 7.16
C SER A 32 -14.93 14.11 6.91
N GLY A 33 -15.33 13.97 5.65
CA GLY A 33 -15.85 12.69 5.21
C GLY A 33 -14.84 11.60 5.48
N MET A 34 -15.32 10.40 5.81
CA MET A 34 -14.46 9.30 6.21
C MET A 34 -14.77 8.03 5.42
N HIS A 35 -13.72 7.28 5.07
CA HIS A 35 -13.83 6.05 4.29
C HIS A 35 -13.23 4.87 5.04
N TRP A 36 -13.73 3.68 4.72
CA TRP A 36 -13.01 2.46 4.98
C TRP A 36 -12.61 1.85 3.65
N VAL A 37 -11.37 1.37 3.60
CA VAL A 37 -10.81 0.70 2.44
C VAL A 37 -10.12 -0.55 2.96
N ARG A 38 -10.23 -1.63 2.21
CA ARG A 38 -9.69 -2.91 2.65
C ARG A 38 -8.78 -3.49 1.58
N GLN A 39 -7.87 -4.37 1.99
CA GLN A 39 -6.96 -5.03 1.05
C GLN A 39 -6.73 -6.46 1.50
N ALA A 40 -7.19 -7.42 0.70
CA ALA A 40 -7.00 -8.82 1.01
C ALA A 40 -5.57 -9.22 0.67
N PRO A 41 -4.99 -10.15 1.42
CA PRO A 41 -3.56 -10.48 1.23
C PRO A 41 -3.21 -10.81 -0.22
N GLY A 42 -2.20 -10.13 -0.74
CA GLY A 42 -1.80 -10.27 -2.13
C GLY A 42 -2.77 -9.74 -3.17
N LYS A 43 -3.78 -8.95 -2.79
CA LYS A 43 -4.74 -8.42 -3.75
C LYS A 43 -4.69 -6.90 -3.77
N GLY A 44 -5.58 -6.30 -4.57
CA GLY A 44 -5.62 -4.87 -4.75
C GLY A 44 -6.48 -4.16 -3.70
N LEU A 45 -6.51 -2.84 -3.79
CA LEU A 45 -7.31 -2.01 -2.91
C LEU A 45 -8.79 -2.15 -3.25
N GLU A 46 -9.64 -2.22 -2.21
CA GLU A 46 -11.09 -2.32 -2.39
C GLU A 46 -11.80 -1.32 -1.47
N TRP A 47 -12.44 -0.32 -2.07
CA TRP A 47 -13.24 0.62 -1.31
C TRP A 47 -14.38 -0.11 -0.60
N VAL A 48 -14.64 0.30 0.65
CA VAL A 48 -15.63 -0.37 1.50
C VAL A 48 -16.86 0.52 1.75
N ALA A 49 -16.65 1.73 2.28
CA ALA A 49 -17.77 2.57 2.68
C ALA A 49 -17.31 4.00 2.87
N VAL A 50 -18.27 4.92 2.87
CA VAL A 50 -18.05 6.33 3.15
C VAL A 50 -19.16 6.85 4.05
N ILE A 51 -18.82 7.82 4.90
CA ILE A 51 -19.82 8.56 5.67
C ILE A 51 -19.49 10.04 5.57
N TRP A 52 -20.50 10.85 5.25
CA TRP A 52 -20.36 12.31 5.27
C TRP A 52 -19.83 12.80 6.62
N TYR A 53 -19.06 13.91 6.57
CA TYR A 53 -18.62 14.62 7.77
C TYR A 53 -19.79 14.80 8.73
N ASP A 54 -20.99 14.91 8.13
CA ASP A 54 -22.33 15.10 8.67
C ASP A 54 -22.96 13.87 9.27
N GLY A 55 -22.56 12.68 8.83
CA GLY A 55 -23.39 11.51 8.95
C GLY A 55 -24.66 11.51 8.09
N SER A 56 -24.88 12.55 7.29
CA SER A 56 -26.14 12.65 6.54
C SER A 56 -26.24 11.67 5.39
N LYS A 57 -25.12 11.13 4.93
CA LYS A 57 -25.11 10.15 3.86
C LYS A 57 -24.09 9.07 4.16
N ARG A 58 -24.41 7.86 3.73
CA ARG A 58 -23.54 6.70 3.84
C ARG A 58 -23.67 5.93 2.54
N TYR A 59 -22.55 5.47 1.99
CA TYR A 59 -22.56 4.57 0.84
C TYR A 59 -21.62 3.41 1.09
N TYR A 60 -21.89 2.31 0.38
CA TYR A 60 -21.28 1.02 0.64
C TYR A 60 -20.94 0.34 -0.68
N ALA A 61 -19.87 -0.45 -0.66
CA ALA A 61 -19.58 -1.34 -1.77
C ALA A 61 -20.59 -2.48 -1.82
N ASP A 62 -20.83 -3.00 -3.03
CA ASP A 62 -21.77 -4.10 -3.22
C ASP A 62 -21.43 -5.29 -2.33
N SER A 63 -20.15 -5.61 -2.20
CA SER A 63 -19.76 -6.80 -1.46
C SER A 63 -20.07 -6.74 0.03
N VAL A 64 -20.36 -5.57 0.62
CA VAL A 64 -20.57 -5.48 2.06
C VAL A 64 -21.90 -4.85 2.45
N LYS A 65 -22.63 -4.28 1.50
CA LYS A 65 -23.89 -3.58 1.77
C LYS A 65 -24.85 -4.43 2.58
N GLY A 66 -25.36 -3.87 3.67
CA GLY A 66 -26.28 -4.59 4.52
C GLY A 66 -25.62 -5.42 5.61
N ARG A 67 -24.46 -6.01 5.33
CA ARG A 67 -23.73 -6.72 6.37
C ARG A 67 -22.89 -5.77 7.23
N PHE A 68 -22.34 -4.72 6.62
CA PHE A 68 -21.49 -3.76 7.30
C PHE A 68 -22.25 -2.45 7.46
N THR A 69 -21.97 -1.73 8.51
CA THR A 69 -22.56 -0.44 8.70
C THR A 69 -21.48 0.53 9.17
N ILE A 70 -21.37 1.66 8.51
CA ILE A 70 -20.38 2.67 8.87
C ILE A 70 -21.08 3.70 9.72
N SER A 71 -20.40 4.21 10.74
CA SER A 71 -20.97 5.27 11.54
C SER A 71 -19.82 6.08 12.14
N ARG A 72 -20.18 7.14 12.86
CA ARG A 72 -19.18 8.03 13.42
C ARG A 72 -19.74 8.68 14.68
N ASP A 73 -18.84 9.13 15.54
CA ASP A 73 -19.18 9.92 16.72
C ASP A 73 -18.31 11.16 16.68
N ASN A 74 -18.88 12.26 16.20
CA ASN A 74 -18.11 13.48 15.97
C ASN A 74 -17.71 14.17 17.26
N SER A 75 -18.22 13.71 18.40
CA SER A 75 -17.82 14.27 19.68
C SER A 75 -16.70 13.49 20.35
N LYS A 76 -16.31 12.32 19.79
CA LYS A 76 -15.15 11.56 20.25
C LYS A 76 -14.14 11.29 19.13
N ASN A 77 -14.24 11.97 17.99
CA ASN A 77 -13.25 11.84 16.90
C ASN A 77 -13.11 10.41 16.40
N THR A 78 -14.15 9.58 16.49
CA THR A 78 -13.94 8.22 16.04
C THR A 78 -14.95 7.80 14.97
N LEU A 79 -14.49 6.93 14.11
CA LEU A 79 -15.21 6.35 13.02
C LEU A 79 -15.34 4.87 13.30
N PHE A 80 -16.49 4.30 13.00
CA PHE A 80 -16.76 2.90 13.28
C PHE A 80 -17.10 2.15 12.00
N LEU A 81 -16.77 0.86 12.00
CA LEU A 81 -17.26 -0.07 11.00
C LEU A 81 -17.80 -1.27 11.76
N GLN A 82 -19.13 -1.40 11.81
CA GLN A 82 -19.74 -2.61 12.35
C GLN A 82 -19.82 -3.66 11.25
N MET A 83 -19.16 -4.81 11.46
CA MET A 83 -19.12 -5.87 10.45
C MET A 83 -19.87 -7.10 10.95
N ASN A 84 -20.92 -7.48 10.23
CA ASN A 84 -21.75 -8.62 10.60
C ASN A 84 -21.71 -9.66 9.49
N SER A 85 -22.05 -10.89 9.86
CA SER A 85 -22.10 -12.00 8.92
C SER A 85 -20.78 -12.14 8.16
N LEU A 86 -19.69 -12.13 8.90
CA LEU A 86 -18.38 -12.15 8.26
C LEU A 86 -18.12 -13.51 7.62
N ARG A 87 -17.48 -13.49 6.46
CA ARG A 87 -17.08 -14.63 5.66
C ARG A 87 -15.57 -14.59 5.42
N ALA A 88 -15.02 -15.75 5.06
CA ALA A 88 -13.58 -15.90 4.83
C ALA A 88 -13.04 -14.83 3.90
N GLU A 89 -13.80 -14.48 2.85
CA GLU A 89 -13.33 -13.50 1.89
C GLU A 89 -13.42 -12.07 2.42
N ASP A 90 -13.81 -11.84 3.67
CA ASP A 90 -13.68 -10.52 4.28
C ASP A 90 -12.32 -10.34 4.95
N THR A 91 -11.49 -11.38 4.98
CA THR A 91 -10.14 -11.29 5.53
C THR A 91 -9.30 -10.28 4.76
N ALA A 92 -8.76 -9.30 5.46
CA ALA A 92 -8.11 -8.18 4.80
C ALA A 92 -7.48 -7.29 5.85
N VAL A 93 -6.57 -6.44 5.41
CA VAL A 93 -6.22 -5.25 6.16
C VAL A 93 -7.27 -4.19 5.87
N TYR A 94 -7.78 -3.56 6.93
CA TYR A 94 -8.78 -2.50 6.85
C TYR A 94 -8.11 -1.18 7.21
N TYR A 95 -8.17 -0.22 6.30
CA TYR A 95 -7.65 1.13 6.49
C TYR A 95 -8.81 2.09 6.66
N CYS A 96 -8.66 3.07 7.56
CA CYS A 96 -9.50 4.25 7.48
C CYS A 96 -8.74 5.37 6.77
N ALA A 97 -9.48 6.25 6.18
CA ALA A 97 -8.92 7.34 5.50
C ALA A 97 -9.90 8.46 5.43
N THR A 98 -9.40 9.67 5.50
CA THR A 98 -10.24 10.81 5.30
C THR A 98 -10.47 10.99 3.80
N ASN A 99 -11.47 11.75 3.46
CA ASN A 99 -11.74 12.10 2.11
C ASN A 99 -10.63 12.97 1.51
N ASP A 100 -9.91 13.76 2.31
CA ASP A 100 -8.77 14.48 1.79
C ASP A 100 -7.42 13.74 1.85
N ASP A 101 -7.48 12.43 1.98
CA ASP A 101 -6.38 11.48 1.93
C ASP A 101 -5.32 11.27 2.97
N TYR A 102 -5.69 11.42 4.21
CA TYR A 102 -4.84 10.99 5.26
C TYR A 102 -5.23 9.50 5.42
N TRP A 103 -4.26 8.66 5.64
CA TRP A 103 -4.53 7.23 5.76
C TRP A 103 -4.02 6.70 7.09
N GLY A 104 -4.80 5.83 7.70
CA GLY A 104 -4.31 5.05 8.81
C GLY A 104 -3.34 4.02 8.28
N GLN A 105 -2.77 3.26 9.20
CA GLN A 105 -1.82 2.24 8.82
C GLN A 105 -2.45 0.87 8.70
N GLY A 106 -3.72 0.72 9.06
CA GLY A 106 -4.45 -0.52 8.78
C GLY A 106 -4.42 -1.48 9.95
N THR A 107 -5.46 -2.31 10.02
CA THR A 107 -5.50 -3.40 10.99
C THR A 107 -6.02 -4.67 10.32
N LEU A 108 -5.39 -5.79 10.64
CA LEU A 108 -5.70 -7.07 10.00
C LEU A 108 -6.91 -7.74 10.65
N VAL A 109 -7.92 -8.06 9.84
CA VAL A 109 -9.06 -8.87 10.27
C VAL A 109 -8.99 -10.22 9.58
N THR A 110 -9.03 -11.28 10.37
CA THR A 110 -8.95 -12.65 9.88
C THR A 110 -10.25 -13.37 10.24
N VAL A 111 -10.97 -13.83 9.22
CA VAL A 111 -12.23 -14.52 9.41
C VAL A 111 -11.97 -16.03 9.25
N SER A 112 -12.02 -16.77 10.35
CA SER A 112 -11.66 -18.17 10.27
C SER A 112 -12.15 -18.92 11.50
N SER A 113 -12.41 -20.22 11.32
CA SER A 113 -12.73 -21.11 12.43
C SER A 113 -11.51 -21.61 13.18
N ALA A 114 -10.30 -21.41 12.64
CA ALA A 114 -9.11 -21.92 13.29
C ALA A 114 -8.85 -21.18 14.60
N SER A 115 -8.19 -21.85 15.53
CA SER A 115 -7.79 -21.23 16.79
C SER A 115 -6.29 -20.98 16.78
N THR A 116 -5.85 -20.10 17.67
CA THR A 116 -4.47 -19.64 17.68
C THR A 116 -3.52 -20.83 17.85
N LYS A 117 -2.44 -20.83 17.06
CA LYS A 117 -1.49 -21.92 17.17
C LYS A 117 -0.12 -21.51 16.64
N GLY A 118 0.92 -21.81 17.42
CA GLY A 118 2.27 -21.52 17.06
C GLY A 118 2.76 -22.43 15.96
N PRO A 119 3.83 -22.04 15.27
CA PRO A 119 4.33 -22.86 14.17
C PRO A 119 5.20 -24.00 14.68
N SER A 120 5.22 -25.06 13.89
CA SER A 120 6.29 -26.05 13.94
C SER A 120 7.37 -25.59 12.97
N VAL A 121 8.62 -25.63 13.39
CA VAL A 121 9.73 -25.13 12.59
C VAL A 121 10.57 -26.32 12.15
N PHE A 122 10.55 -26.62 10.88
CA PHE A 122 11.32 -27.76 10.45
C PHE A 122 12.54 -27.31 9.64
N PRO A 123 13.65 -28.04 9.72
CA PRO A 123 14.84 -27.63 8.97
C PRO A 123 14.73 -27.98 7.49
N LEU A 124 15.30 -27.11 6.66
CA LEU A 124 15.57 -27.41 5.26
C LEU A 124 17.08 -27.58 5.15
N ALA A 125 17.55 -28.87 5.23
CA ALA A 125 18.98 -29.17 5.38
C ALA A 125 19.72 -28.99 4.06
N PRO A 126 20.90 -28.37 4.08
CA PRO A 126 21.67 -28.21 2.85
C PRO A 126 22.15 -29.53 2.30
N CYS A 127 22.24 -29.60 0.98
CA CYS A 127 22.85 -30.73 0.30
C CYS A 127 24.33 -30.49 0.02
N SER A 134 31.40 -23.21 -5.28
CA SER A 134 29.98 -23.56 -5.28
C SER A 134 29.25 -22.93 -4.10
N THR A 135 27.93 -22.99 -4.13
CA THR A 135 27.11 -22.43 -3.06
C THR A 135 26.08 -23.43 -2.56
N ALA A 136 25.56 -23.19 -1.36
CA ALA A 136 24.58 -24.07 -0.76
C ALA A 136 23.35 -23.28 -0.30
N ALA A 137 22.19 -23.92 -0.39
CA ALA A 137 20.95 -23.34 0.09
C ALA A 137 20.46 -24.12 1.32
N LEU A 138 19.89 -23.40 2.28
CA LEU A 138 19.31 -24.02 3.45
C LEU A 138 18.24 -23.08 3.98
N GLY A 139 17.41 -23.61 4.88
CA GLY A 139 16.35 -22.79 5.43
C GLY A 139 15.54 -23.48 6.50
N CYS A 140 14.34 -22.93 6.73
CA CYS A 140 13.37 -23.45 7.69
C CYS A 140 11.98 -23.40 7.09
N LEU A 141 11.25 -24.50 7.26
CA LEU A 141 9.83 -24.57 6.97
C LEU A 141 9.07 -24.17 8.24
N VAL A 142 8.29 -23.11 8.15
CA VAL A 142 7.56 -22.56 9.30
C VAL A 142 6.10 -22.95 9.09
N LYS A 143 5.72 -24.11 9.61
CA LYS A 143 4.47 -24.76 9.19
C LYS A 143 3.38 -24.70 10.26
N ASP A 144 2.14 -24.61 9.77
CA ASP A 144 0.92 -24.83 10.55
C ASP A 144 0.76 -23.85 11.72
N TYR A 145 0.67 -22.57 11.39
CA TYR A 145 0.39 -21.56 12.40
C TYR A 145 -0.86 -20.77 12.03
N PHE A 146 -1.33 -19.99 13.00
CA PHE A 146 -2.54 -19.20 12.87
C PHE A 146 -2.62 -18.27 14.05
N PRO A 147 -2.93 -16.99 13.80
CA PRO A 147 -3.04 -16.41 12.46
C PRO A 147 -1.73 -15.77 12.02
N GLU A 148 -1.76 -15.09 10.89
CA GLU A 148 -0.68 -14.20 10.49
C GLU A 148 -0.50 -13.10 11.53
N PRO A 149 0.72 -12.53 11.65
CA PRO A 149 1.92 -12.87 10.89
C PRO A 149 2.98 -13.59 11.73
N VAL A 150 4.01 -14.14 11.09
CA VAL A 150 5.25 -14.54 11.77
C VAL A 150 6.39 -13.67 11.27
N THR A 151 7.47 -13.66 12.03
CA THR A 151 8.70 -13.07 11.57
C THR A 151 9.82 -14.09 11.69
N VAL A 152 10.76 -14.00 10.76
CA VAL A 152 11.93 -14.86 10.74
C VAL A 152 13.17 -13.98 10.61
N SER A 153 14.19 -14.30 11.40
CA SER A 153 15.52 -13.78 11.19
C SER A 153 16.49 -14.95 11.21
N TRP A 154 17.75 -14.67 10.91
CA TRP A 154 18.79 -15.67 10.90
C TRP A 154 19.93 -15.20 11.80
N ASN A 155 20.39 -16.07 12.68
CA ASN A 155 21.48 -15.77 13.61
C ASN A 155 21.23 -14.46 14.35
N SER A 156 20.01 -14.31 14.86
CA SER A 156 19.59 -13.15 15.66
C SER A 156 19.80 -11.85 14.89
N GLY A 157 19.58 -11.90 13.58
CA GLY A 157 19.71 -10.73 12.75
C GLY A 157 21.09 -10.49 12.15
N ALA A 158 22.09 -11.32 12.48
CA ALA A 158 23.42 -11.06 11.94
C ALA A 158 23.58 -11.61 10.52
N LEU A 159 22.69 -12.49 10.09
CA LEU A 159 22.75 -13.03 8.73
C LEU A 159 21.57 -12.46 7.95
N THR A 160 21.86 -11.55 7.02
CA THR A 160 20.83 -10.98 6.15
C THR A 160 21.12 -11.17 4.67
N SER A 161 22.37 -11.05 4.25
CA SER A 161 22.72 -11.29 2.86
C SER A 161 22.27 -12.68 2.40
N GLY A 162 21.55 -12.73 1.28
CA GLY A 162 21.13 -13.98 0.71
C GLY A 162 19.86 -14.57 1.28
N VAL A 163 19.18 -13.87 2.18
CA VAL A 163 18.00 -14.39 2.85
C VAL A 163 16.76 -14.10 2.03
N HIS A 164 15.92 -15.12 1.81
CA HIS A 164 14.59 -14.96 1.24
C HIS A 164 13.59 -15.57 2.23
N THR A 165 12.75 -14.71 2.81
CA THR A 165 11.61 -15.16 3.59
C THR A 165 10.35 -14.97 2.74
N PHE A 166 9.74 -16.07 2.36
CA PHE A 166 8.64 -16.07 1.41
C PHE A 166 7.32 -15.66 2.06
N PRO A 167 6.42 -15.06 1.28
CA PRO A 167 5.07 -14.79 1.80
C PRO A 167 4.40 -16.09 2.20
N ALA A 168 3.60 -16.03 3.26
CA ALA A 168 2.92 -17.23 3.70
C ALA A 168 1.86 -17.65 2.70
N VAL A 169 1.48 -18.92 2.76
CA VAL A 169 0.33 -19.43 2.04
C VAL A 169 -0.67 -19.96 3.07
N LEU A 170 -1.96 -19.80 2.74
CA LEU A 170 -3.05 -20.33 3.54
C LEU A 170 -3.33 -21.75 3.09
N GLN A 171 -3.13 -22.71 4.00
CA GLN A 171 -3.35 -24.09 3.59
C GLN A 171 -4.83 -24.45 3.66
N SER A 172 -5.21 -25.46 2.87
CA SER A 172 -6.59 -25.91 2.87
C SER A 172 -7.08 -26.32 4.27
N SER A 173 -6.17 -26.50 5.22
CA SER A 173 -6.52 -26.78 6.60
C SER A 173 -6.87 -25.53 7.40
N GLY A 174 -6.71 -24.34 6.85
CA GLY A 174 -6.90 -23.13 7.62
C GLY A 174 -5.67 -22.64 8.33
N LEU A 175 -4.54 -23.33 8.23
CA LEU A 175 -3.32 -22.90 8.88
C LEU A 175 -2.36 -22.32 7.84
N TYR A 176 -1.53 -21.38 8.29
CA TYR A 176 -0.54 -20.76 7.41
C TYR A 176 0.76 -21.56 7.41
N SER A 177 1.51 -21.39 6.33
CA SER A 177 2.80 -22.03 6.18
C SER A 177 3.72 -21.13 5.36
N LEU A 178 5.00 -21.19 5.69
CA LEU A 178 5.97 -20.23 5.16
C LEU A 178 7.36 -20.85 5.19
N SER A 179 8.15 -20.56 4.16
CA SER A 179 9.56 -20.93 4.15
C SER A 179 10.46 -19.71 4.20
N SER A 180 11.62 -19.88 4.84
CA SER A 180 12.69 -18.91 4.82
C SER A 180 13.96 -19.65 4.44
N VAL A 181 14.71 -19.13 3.45
CA VAL A 181 15.92 -19.76 2.96
C VAL A 181 17.04 -18.72 2.93
N VAL A 182 18.27 -19.24 2.94
CA VAL A 182 19.46 -18.42 2.71
C VAL A 182 20.42 -19.25 1.86
N THR A 183 21.17 -18.57 1.00
CA THR A 183 22.25 -19.21 0.26
C THR A 183 23.60 -18.78 0.86
N VAL A 184 24.48 -19.75 1.04
CA VAL A 184 25.77 -19.51 1.67
C VAL A 184 26.86 -20.23 0.88
N PRO A 185 28.14 -19.90 1.10
CA PRO A 185 29.23 -20.69 0.52
C PRO A 185 29.21 -22.12 1.04
N SER A 186 29.31 -23.08 0.11
CA SER A 186 29.40 -24.49 0.51
C SER A 186 30.52 -24.71 1.53
N SER A 187 31.60 -23.94 1.44
CA SER A 187 32.74 -24.19 2.34
C SER A 187 32.44 -23.74 3.77
N SER A 188 31.44 -22.88 3.96
CA SER A 188 31.02 -22.42 5.28
C SER A 188 30.21 -23.46 6.04
N LEU A 189 29.79 -24.54 5.39
CA LEU A 189 28.84 -25.44 6.03
C LEU A 189 29.45 -26.14 7.24
N GLY A 190 30.77 -26.33 7.25
CA GLY A 190 31.40 -26.99 8.37
C GLY A 190 32.01 -26.02 9.36
N THR A 191 31.97 -24.72 9.06
CA THR A 191 32.53 -23.74 9.97
C THR A 191 31.52 -22.81 10.62
N LYS A 192 30.45 -22.43 9.93
CA LYS A 192 29.46 -21.49 10.47
C LYS A 192 28.26 -22.23 11.04
N THR A 193 27.65 -21.62 12.04
CA THR A 193 26.37 -22.11 12.55
C THR A 193 25.24 -21.24 11.98
N TYR A 194 24.13 -21.88 11.64
CA TYR A 194 22.97 -21.19 11.06
C TYR A 194 21.72 -21.58 11.83
N THR A 195 21.10 -20.60 12.50
CA THR A 195 19.86 -20.89 13.21
C THR A 195 18.76 -19.91 12.80
N CYS A 196 17.56 -20.46 12.61
CA CYS A 196 16.31 -19.73 12.44
C CYS A 196 15.83 -19.10 13.72
N ASN A 197 15.34 -17.87 13.64
CA ASN A 197 14.66 -17.25 14.77
C ASN A 197 13.24 -16.94 14.32
N VAL A 198 12.30 -17.74 14.78
CA VAL A 198 10.90 -17.68 14.37
C VAL A 198 10.08 -17.09 15.51
N ASP A 199 9.38 -16.00 15.23
CA ASP A 199 8.53 -15.32 16.19
C ASP A 199 7.09 -15.29 15.72
N HIS A 200 6.17 -15.74 16.58
CA HIS A 200 4.73 -15.70 16.31
C HIS A 200 4.08 -15.15 17.58
N LYS A 201 3.85 -13.82 17.59
CA LYS A 201 3.31 -13.13 18.77
C LYS A 201 1.97 -13.69 19.25
N PRO A 202 0.95 -13.89 18.40
CA PRO A 202 -0.34 -14.38 18.92
C PRO A 202 -0.23 -15.58 19.87
N SER A 203 0.74 -16.47 19.66
CA SER A 203 0.91 -17.63 20.51
C SER A 203 2.10 -17.50 21.46
N ASN A 204 2.71 -16.32 21.53
CA ASN A 204 3.90 -16.08 22.33
C ASN A 204 5.02 -17.07 22.00
N THR A 205 5.13 -17.46 20.74
CA THR A 205 6.11 -18.45 20.30
C THR A 205 7.40 -17.76 19.89
N LYS A 206 8.53 -18.25 20.44
CA LYS A 206 9.88 -17.80 20.07
C LYS A 206 10.74 -19.06 19.93
N VAL A 207 10.96 -19.51 18.69
CA VAL A 207 11.69 -20.73 18.39
C VAL A 207 13.02 -20.39 17.73
N ASP A 208 14.07 -21.09 18.13
CA ASP A 208 15.37 -21.04 17.48
C ASP A 208 15.68 -22.43 16.99
N LYS A 209 15.81 -22.59 15.67
CA LYS A 209 16.08 -23.89 15.08
C LYS A 209 17.43 -23.86 14.37
N ARG A 210 18.38 -24.65 14.87
CA ARG A 210 19.64 -24.83 14.19
C ARG A 210 19.43 -25.69 12.96
N VAL A 211 20.04 -25.29 11.84
CA VAL A 211 19.91 -26.01 10.58
C VAL A 211 21.30 -26.52 10.21
N GLU A 212 21.41 -27.82 9.94
CA GLU A 212 22.71 -28.37 9.66
C GLU A 212 22.61 -29.48 8.63
N SER A 213 23.75 -29.76 8.00
CA SER A 213 23.82 -30.81 7.01
C SER A 213 23.44 -32.15 7.64
N LYS A 214 22.66 -32.93 6.89
CA LYS A 214 22.25 -34.23 7.39
C LYS A 214 23.18 -35.31 6.85
N SER B 1 -30.20 1.22 -11.71
CA SER B 1 -29.87 2.64 -11.75
C SER B 1 -28.42 2.94 -11.47
N THR B 2 -27.86 2.30 -10.47
CA THR B 2 -26.47 2.52 -10.14
C THR B 2 -25.60 1.51 -10.85
N GLY B 3 -24.50 1.99 -11.40
CA GLY B 3 -23.56 1.15 -12.09
C GLY B 3 -22.23 1.11 -11.42
N GLU B 4 -21.47 0.09 -11.72
CA GLU B 4 -20.16 -0.05 -11.21
C GLU B 4 -19.26 0.46 -12.29
N ILE B 5 -18.51 1.47 -11.98
CA ILE B 5 -17.55 2.05 -12.91
C ILE B 5 -16.27 1.23 -12.82
N VAL B 6 -15.96 0.47 -13.87
CA VAL B 6 -14.79 -0.40 -13.90
C VAL B 6 -13.60 0.41 -14.38
N LEU B 7 -12.50 0.31 -13.66
CA LEU B 7 -11.25 1.00 -14.00
C LEU B 7 -10.23 -0.04 -14.43
N THR B 8 -9.75 0.07 -15.67
CA THR B 8 -8.81 -0.90 -16.25
C THR B 8 -7.45 -0.23 -16.42
N GLN B 9 -6.46 -0.71 -15.69
CA GLN B 9 -5.12 -0.16 -15.75
C GLN B 9 -4.26 -0.99 -16.70
N SER B 10 -3.40 -0.32 -17.45
CA SER B 10 -2.44 -1.06 -18.24
C SER B 10 -1.11 -0.30 -18.31
N PRO B 11 -0.01 -1.04 -18.55
CA PRO B 11 0.02 -2.50 -18.55
C PRO B 11 -0.08 -3.01 -17.13
N ALA B 12 -0.16 -4.32 -16.93
CA ALA B 12 -0.13 -4.87 -15.57
C ALA B 12 1.22 -4.58 -14.92
N THR B 13 2.29 -4.67 -15.69
CA THR B 13 3.65 -4.52 -15.17
C THR B 13 4.46 -3.67 -16.13
N LEU B 14 5.12 -2.66 -15.61
CA LEU B 14 6.03 -1.84 -16.38
C LEU B 14 7.44 -2.14 -15.88
N SER B 15 8.33 -2.59 -16.78
CA SER B 15 9.70 -2.95 -16.42
C SER B 15 10.67 -1.92 -16.99
N LEU B 16 11.35 -1.20 -16.11
CA LEU B 16 12.05 0.02 -16.50
C LEU B 16 13.30 0.19 -15.62
N SER B 17 14.23 1.00 -16.10
CA SER B 17 15.42 1.31 -15.32
C SER B 17 15.23 2.63 -14.58
N PRO B 18 15.90 2.83 -13.46
CA PRO B 18 15.90 4.17 -12.84
C PRO B 18 16.27 5.23 -13.86
N GLY B 19 15.69 6.42 -13.69
CA GLY B 19 15.90 7.51 -14.61
C GLY B 19 15.06 7.48 -15.88
N GLU B 20 14.44 6.35 -16.22
CA GLU B 20 13.60 6.38 -17.40
C GLU B 20 12.22 6.98 -17.10
N ARG B 21 11.49 7.28 -18.17
CA ARG B 21 10.16 7.84 -18.09
C ARG B 21 9.14 6.73 -17.99
N ALA B 22 8.23 6.86 -17.03
CA ALA B 22 7.16 5.89 -16.80
C ALA B 22 5.82 6.49 -17.21
N THR B 23 5.04 5.72 -17.96
CA THR B 23 3.70 6.14 -18.39
C THR B 23 2.71 5.05 -18.03
N LEU B 24 1.76 5.37 -17.16
CA LEU B 24 0.76 4.41 -16.72
C LEU B 24 -0.62 4.86 -17.19
N SER B 25 -1.45 3.90 -17.62
CA SER B 25 -2.77 4.21 -18.16
C SER B 25 -3.87 3.67 -17.27
N CYS B 26 -4.99 4.40 -17.25
CA CYS B 26 -6.23 4.01 -16.59
C CYS B 26 -7.36 4.36 -17.55
N ARG B 27 -8.19 3.39 -17.89
CA ARG B 27 -9.39 3.64 -18.69
C ARG B 27 -10.64 3.26 -17.90
N ALA B 28 -11.61 4.16 -17.86
CA ALA B 28 -12.87 3.97 -17.14
C ALA B 28 -13.95 3.44 -18.06
N SER B 29 -14.83 2.57 -17.53
CA SER B 29 -15.86 1.97 -18.36
C SER B 29 -16.92 2.98 -18.80
N GLN B 30 -16.98 4.13 -18.14
CA GLN B 30 -17.89 5.20 -18.52
C GLN B 30 -17.28 6.48 -17.96
N SER B 31 -17.77 7.61 -18.46
CA SER B 31 -17.10 8.86 -18.18
C SER B 31 -17.07 9.11 -16.69
N VAL B 32 -15.96 9.69 -16.25
CA VAL B 32 -15.68 9.97 -14.88
C VAL B 32 -15.33 11.45 -14.67
N SER B 33 -15.44 12.25 -15.75
CA SER B 33 -15.09 13.67 -15.80
C SER B 33 -13.61 13.80 -15.46
N SER B 34 -13.25 14.53 -14.42
CA SER B 34 -11.86 14.63 -14.01
C SER B 34 -11.66 14.05 -12.62
N TYR B 35 -12.65 13.34 -12.07
CA TYR B 35 -12.59 12.82 -10.71
C TYR B 35 -11.78 11.51 -10.68
N LEU B 36 -10.49 11.64 -10.92
CA LEU B 36 -9.60 10.48 -11.03
C LEU B 36 -8.34 10.74 -10.21
N ALA B 37 -8.04 9.84 -9.28
CA ALA B 37 -6.88 9.98 -8.42
C ALA B 37 -5.91 8.81 -8.65
N TRP B 38 -4.64 9.05 -8.35
CA TRP B 38 -3.61 8.03 -8.45
C TRP B 38 -2.90 7.87 -7.11
N TYR B 39 -2.67 6.62 -6.72
CA TYR B 39 -2.05 6.26 -5.46
C TYR B 39 -0.82 5.39 -5.71
N GLN B 40 0.14 5.52 -4.79
CA GLN B 40 1.29 4.64 -4.76
C GLN B 40 1.22 3.76 -3.51
N GLN B 41 1.52 2.47 -3.66
CA GLN B 41 1.61 1.61 -2.49
C GLN B 41 2.86 0.75 -2.57
N LYS B 42 3.64 0.79 -1.55
CA LYS B 42 4.79 -0.03 -1.28
C LYS B 42 4.41 -1.15 -0.31
N PRO B 43 5.06 -2.30 -0.40
CA PRO B 43 4.61 -3.46 0.39
C PRO B 43 4.65 -3.20 1.88
N GLY B 44 3.60 -3.66 2.56
CA GLY B 44 3.46 -3.44 3.99
C GLY B 44 3.09 -2.04 4.42
N GLN B 45 2.71 -1.17 3.49
CA GLN B 45 2.41 0.22 3.79
C GLN B 45 1.05 0.60 3.24
N ALA B 46 0.45 1.60 3.88
CA ALA B 46 -0.77 2.18 3.40
C ALA B 46 -0.54 2.87 2.06
N PRO B 47 -1.56 2.91 1.20
CA PRO B 47 -1.47 3.69 -0.03
C PRO B 47 -1.22 5.14 0.28
N ARG B 48 -0.71 5.85 -0.72
CA ARG B 48 -0.42 7.27 -0.58
C ARG B 48 -0.85 8.03 -1.82
N LEU B 49 -1.57 9.13 -1.61
CA LEU B 49 -2.08 9.92 -2.73
C LEU B 49 -0.96 10.67 -3.44
N LEU B 50 -0.94 10.57 -4.77
CA LEU B 50 -0.04 11.32 -5.63
C LEU B 50 -0.75 12.42 -6.42
N ILE B 51 -1.83 12.06 -7.10
CA ILE B 51 -2.52 12.95 -8.03
C ILE B 51 -4.00 12.84 -7.77
N TYR B 52 -4.69 13.97 -7.64
CA TYR B 52 -6.13 13.97 -7.51
C TYR B 52 -6.72 14.86 -8.59
N ASP B 53 -7.99 14.62 -8.90
CA ASP B 53 -8.72 15.34 -9.93
C ASP B 53 -7.91 15.39 -11.23
N ALA B 54 -7.40 14.22 -11.61
CA ALA B 54 -6.75 13.96 -12.90
C ALA B 54 -5.34 14.54 -12.99
N SER B 55 -5.11 15.75 -12.46
CA SER B 55 -3.85 16.44 -12.75
C SER B 55 -3.24 17.27 -11.63
N ASN B 56 -3.79 17.29 -10.42
CA ASN B 56 -3.18 18.06 -9.34
C ASN B 56 -2.32 17.17 -8.46
N ARG B 57 -1.11 17.63 -8.17
CA ARG B 57 -0.24 16.90 -7.28
C ARG B 57 -0.67 17.12 -5.85
N ALA B 58 -0.70 16.02 -5.09
CA ALA B 58 -0.97 16.11 -3.66
C ALA B 58 0.15 16.89 -2.97
N THR B 59 -0.17 17.35 -1.76
CA THR B 59 0.75 18.15 -0.97
C THR B 59 2.09 17.46 -0.83
N GLY B 60 3.17 18.15 -1.22
CA GLY B 60 4.51 17.64 -1.09
C GLY B 60 4.94 16.59 -2.09
N ILE B 61 4.13 16.30 -3.11
CA ILE B 61 4.50 15.28 -4.09
C ILE B 61 5.48 15.90 -5.09
N PRO B 62 6.60 15.24 -5.38
CA PRO B 62 7.62 15.88 -6.23
C PRO B 62 7.10 16.12 -7.65
N ALA B 63 7.76 17.05 -8.32
CA ALA B 63 7.32 17.51 -9.64
C ALA B 63 7.46 16.45 -10.72
N ARG B 64 8.24 15.40 -10.49
CA ARG B 64 8.36 14.39 -11.52
C ARG B 64 7.07 13.60 -11.74
N PHE B 65 6.11 13.67 -10.80
CA PHE B 65 4.82 13.02 -10.97
C PHE B 65 3.83 13.98 -11.63
N SER B 66 3.20 13.55 -12.72
CA SER B 66 2.16 14.39 -13.29
C SER B 66 1.05 13.51 -13.83
N GLY B 67 -0.15 14.06 -13.87
CA GLY B 67 -1.31 13.34 -14.37
C GLY B 67 -2.02 14.14 -15.42
N SER B 68 -2.70 13.43 -16.32
CA SER B 68 -3.48 14.09 -17.36
C SER B 68 -4.61 13.17 -17.81
N GLY B 69 -5.56 13.75 -18.53
CA GLY B 69 -6.70 13.04 -19.06
C GLY B 69 -8.02 13.58 -18.52
N SER B 70 -9.10 13.09 -19.12
CA SER B 70 -10.45 13.45 -18.72
C SER B 70 -11.41 12.46 -19.35
N GLY B 71 -12.64 12.42 -18.85
CA GLY B 71 -13.63 11.52 -19.42
C GLY B 71 -13.34 10.08 -19.05
N THR B 72 -12.75 9.30 -19.98
CA THR B 72 -12.46 7.89 -19.74
C THR B 72 -10.99 7.50 -19.85
N ASP B 73 -10.09 8.38 -20.31
CA ASP B 73 -8.69 8.04 -20.55
C ASP B 73 -7.76 8.88 -19.70
N PHE B 74 -6.96 8.24 -18.86
CA PHE B 74 -6.13 8.96 -17.91
C PHE B 74 -4.72 8.38 -17.95
N THR B 75 -3.75 9.24 -17.64
CA THR B 75 -2.33 8.88 -17.69
C THR B 75 -1.63 9.44 -16.46
N LEU B 76 -0.84 8.60 -15.81
CA LEU B 76 0.10 9.04 -14.79
C LEU B 76 1.50 8.96 -15.40
N THR B 77 2.24 10.05 -15.32
CA THR B 77 3.59 10.11 -15.88
C THR B 77 4.59 10.36 -14.76
N ILE B 78 5.63 9.54 -14.71
CA ILE B 78 6.80 9.82 -13.88
C ILE B 78 7.91 10.17 -14.85
N SER B 79 8.34 11.43 -14.83
CA SER B 79 9.23 11.91 -15.89
C SER B 79 10.58 11.20 -15.83
N SER B 80 11.16 11.07 -14.64
CA SER B 80 12.39 10.32 -14.46
C SER B 80 12.23 9.45 -13.22
N LEU B 81 12.26 8.13 -13.39
CA LEU B 81 12.03 7.22 -12.27
C LEU B 81 13.19 7.29 -11.28
N GLU B 82 12.88 7.60 -10.01
CA GLU B 82 13.77 7.43 -8.88
C GLU B 82 13.66 6.00 -8.34
N PRO B 83 14.72 5.50 -7.70
CA PRO B 83 14.62 4.14 -7.09
C PRO B 83 13.48 3.98 -6.09
N GLU B 84 13.09 5.06 -5.38
CA GLU B 84 11.89 5.01 -4.53
C GLU B 84 10.60 4.79 -5.32
N ASP B 85 10.60 4.92 -6.63
CA ASP B 85 9.35 4.95 -7.39
C ASP B 85 8.89 3.59 -7.86
N PHE B 86 9.72 2.57 -7.74
CA PHE B 86 9.32 1.22 -8.13
C PHE B 86 8.40 0.67 -7.05
N ALA B 87 7.14 0.46 -7.42
CA ALA B 87 6.04 0.28 -6.49
C ALA B 87 4.81 -0.07 -7.29
N VAL B 88 3.66 -0.24 -6.64
CA VAL B 88 2.39 -0.49 -7.29
C VAL B 88 1.59 0.81 -7.31
N TYR B 89 0.93 1.09 -8.43
CA TYR B 89 0.14 2.30 -8.60
C TYR B 89 -1.31 1.93 -8.90
N TYR B 90 -2.23 2.60 -8.19
CA TYR B 90 -3.67 2.40 -8.34
C TYR B 90 -4.33 3.70 -8.75
N CYS B 91 -5.32 3.61 -9.63
CA CYS B 91 -6.18 4.73 -9.93
C CYS B 91 -7.51 4.54 -9.20
N GLN B 92 -8.20 5.64 -8.94
CA GLN B 92 -9.47 5.61 -8.22
C GLN B 92 -10.38 6.72 -8.75
N GLN B 93 -11.61 6.36 -9.08
CA GLN B 93 -12.58 7.36 -9.51
C GLN B 93 -13.44 7.79 -8.33
N SER B 94 -13.73 9.08 -8.28
CA SER B 94 -14.60 9.65 -7.25
C SER B 94 -15.76 10.40 -7.90
N SER B 95 -16.18 9.91 -9.06
CA SER B 95 -17.31 10.48 -9.78
C SER B 95 -18.65 9.99 -9.25
N ASN B 96 -18.70 8.78 -8.74
CA ASN B 96 -19.96 8.15 -8.39
C ASN B 96 -19.76 7.21 -7.22
N TRP B 97 -20.86 6.81 -6.61
CA TRP B 97 -20.81 5.78 -5.59
C TRP B 97 -21.36 4.54 -6.25
N PRO B 98 -20.77 3.36 -5.98
CA PRO B 98 -19.60 3.10 -5.13
C PRO B 98 -18.30 3.60 -5.76
N ARG B 99 -17.35 4.01 -4.93
CA ARG B 99 -16.02 4.33 -5.43
C ARG B 99 -15.27 3.08 -5.79
N THR B 100 -14.43 3.18 -6.82
CA THR B 100 -13.76 2.01 -7.35
C THR B 100 -12.30 2.35 -7.63
N PHE B 101 -11.44 1.36 -7.43
CA PHE B 101 -10.05 1.38 -7.79
C PHE B 101 -9.83 0.53 -9.04
N GLY B 102 -8.79 0.88 -9.78
CA GLY B 102 -8.25 -0.06 -10.73
C GLY B 102 -7.51 -1.18 -10.02
N GLN B 103 -7.12 -2.18 -10.80
CA GLN B 103 -6.48 -3.36 -10.27
C GLN B 103 -4.97 -3.19 -10.08
N GLY B 104 -4.40 -2.07 -10.51
CA GLY B 104 -3.02 -1.79 -10.15
C GLY B 104 -2.03 -2.11 -11.25
N THR B 105 -1.00 -1.28 -11.34
CA THR B 105 0.13 -1.52 -12.23
C THR B 105 1.37 -1.55 -11.37
N LYS B 106 2.18 -2.60 -11.54
CA LYS B 106 3.45 -2.71 -10.86
C LYS B 106 4.55 -2.09 -11.72
N VAL B 107 5.31 -1.17 -11.15
CA VAL B 107 6.51 -0.65 -11.78
C VAL B 107 7.68 -1.41 -11.14
N GLU B 108 8.34 -2.25 -11.94
CA GLU B 108 9.46 -3.08 -11.47
C GLU B 108 10.74 -2.67 -12.19
N ILE B 109 11.88 -2.97 -11.55
CA ILE B 109 13.17 -2.71 -12.18
C ILE B 109 13.36 -3.66 -13.35
N LYS B 110 13.64 -3.09 -14.53
CA LYS B 110 14.03 -3.89 -15.68
C LYS B 110 15.44 -4.42 -15.53
N ARG B 111 15.66 -5.61 -16.07
CA ARG B 111 16.87 -6.34 -15.75
C ARG B 111 17.12 -7.33 -16.87
N THR B 112 18.39 -7.68 -17.04
CA THR B 112 18.81 -8.78 -17.89
C THR B 112 18.17 -10.10 -17.40
N VAL B 113 17.96 -11.04 -18.35
CA VAL B 113 17.34 -12.33 -18.03
C VAL B 113 18.32 -13.19 -17.24
N ALA B 114 17.83 -13.81 -16.15
CA ALA B 114 18.64 -14.64 -15.25
C ALA B 114 17.91 -15.94 -14.92
N ALA B 115 18.59 -17.06 -15.15
CA ALA B 115 18.01 -18.38 -14.87
C ALA B 115 17.97 -18.65 -13.37
N PRO B 116 16.97 -19.39 -12.91
CA PRO B 116 16.94 -19.74 -11.48
C PRO B 116 17.98 -20.80 -11.17
N SER B 117 18.51 -20.71 -9.93
CA SER B 117 19.21 -21.83 -9.31
C SER B 117 18.17 -22.65 -8.56
N VAL B 118 18.10 -23.95 -8.86
CA VAL B 118 17.06 -24.82 -8.32
C VAL B 118 17.65 -25.71 -7.24
N PHE B 119 16.98 -25.78 -6.11
CA PHE B 119 17.31 -26.66 -5.00
C PHE B 119 16.05 -27.39 -4.58
N ILE B 120 16.20 -28.67 -4.24
CA ILE B 120 15.09 -29.44 -3.68
C ILE B 120 15.46 -29.88 -2.27
N PHE B 121 14.46 -29.98 -1.40
CA PHE B 121 14.65 -30.38 0.00
C PHE B 121 13.65 -31.46 0.36
N PRO B 122 14.08 -32.66 0.71
CA PRO B 122 13.15 -33.67 1.23
C PRO B 122 12.57 -33.25 2.55
N PRO B 123 11.50 -33.92 3.01
CA PRO B 123 11.00 -33.68 4.37
C PRO B 123 12.05 -34.00 5.43
N SER B 124 12.05 -33.21 6.49
CA SER B 124 12.88 -33.52 7.65
C SER B 124 12.39 -34.79 8.33
N ASP B 125 13.30 -35.49 8.99
CA ASP B 125 12.87 -36.64 9.78
C ASP B 125 11.93 -36.21 10.89
N GLU B 126 12.17 -35.03 11.46
CA GLU B 126 11.27 -34.52 12.51
C GLU B 126 9.84 -34.38 11.99
N GLN B 127 9.66 -33.82 10.79
CA GLN B 127 8.31 -33.66 10.29
C GLN B 127 7.65 -35.01 10.03
N LEU B 128 8.42 -35.97 9.53
CA LEU B 128 7.83 -37.27 9.24
C LEU B 128 7.41 -38.02 10.49
N LYS B 129 7.99 -37.70 11.66
CA LYS B 129 7.49 -38.30 12.89
C LYS B 129 6.06 -37.85 13.17
N SER B 130 5.73 -36.61 12.81
CA SER B 130 4.34 -36.21 12.70
C SER B 130 3.70 -36.92 11.52
N GLY B 131 2.45 -36.60 11.22
CA GLY B 131 1.90 -37.40 10.14
C GLY B 131 2.20 -36.97 8.72
N THR B 132 3.03 -35.95 8.48
CA THR B 132 3.02 -35.29 7.18
C THR B 132 4.42 -35.13 6.60
N ALA B 133 4.46 -35.04 5.27
CA ALA B 133 5.68 -34.81 4.52
C ALA B 133 5.53 -33.55 3.66
N SER B 134 6.39 -32.57 3.85
CA SER B 134 6.49 -31.46 2.92
C SER B 134 7.78 -31.57 2.13
N VAL B 135 7.68 -31.47 0.81
CA VAL B 135 8.82 -31.41 -0.09
C VAL B 135 8.88 -30.00 -0.68
N VAL B 136 10.03 -29.34 -0.56
CA VAL B 136 10.16 -27.94 -0.92
C VAL B 136 11.13 -27.80 -2.09
N CYS B 137 10.70 -27.08 -3.12
CA CYS B 137 11.51 -26.75 -4.29
C CYS B 137 11.75 -25.26 -4.30
N LEU B 138 13.03 -24.87 -4.35
CA LEU B 138 13.43 -23.47 -4.29
C LEU B 138 13.98 -23.06 -5.65
N LEU B 139 13.46 -21.94 -6.18
CA LEU B 139 13.98 -21.30 -7.37
C LEU B 139 14.58 -19.97 -6.93
N ASN B 140 15.90 -19.85 -6.99
CA ASN B 140 16.57 -18.71 -6.38
C ASN B 140 17.04 -17.74 -7.46
N ASN B 141 16.61 -16.48 -7.33
CA ASN B 141 17.25 -15.35 -7.98
C ASN B 141 17.17 -15.40 -9.50
N PHE B 142 15.94 -15.28 -10.02
CA PHE B 142 15.71 -15.31 -11.44
C PHE B 142 15.00 -14.05 -11.88
N TYR B 143 15.00 -13.84 -13.19
CA TYR B 143 14.34 -12.73 -13.85
C TYR B 143 14.13 -13.15 -15.31
N PRO B 144 12.94 -12.92 -15.87
CA PRO B 144 11.78 -12.24 -15.27
C PRO B 144 10.99 -13.11 -14.30
N ARG B 145 9.89 -12.57 -13.80
CA ARG B 145 9.13 -13.19 -12.71
C ARG B 145 8.51 -14.52 -13.11
N GLU B 146 8.13 -14.69 -14.37
CA GLU B 146 7.40 -15.88 -14.82
C GLU B 146 8.31 -17.11 -14.79
N ALA B 147 7.91 -18.11 -14.03
CA ALA B 147 8.60 -19.38 -13.94
C ALA B 147 7.55 -20.48 -13.77
N LYS B 148 7.80 -21.63 -14.37
CA LYS B 148 6.91 -22.77 -14.23
C LYS B 148 7.60 -23.87 -13.43
N VAL B 149 6.88 -24.42 -12.46
CA VAL B 149 7.36 -25.52 -11.65
C VAL B 149 6.37 -26.66 -11.79
N GLN B 150 6.86 -27.85 -12.11
CA GLN B 150 6.03 -29.05 -12.13
C GLN B 150 6.65 -30.10 -11.24
N TRP B 151 5.84 -30.64 -10.33
CA TRP B 151 6.25 -31.75 -9.47
C TRP B 151 5.96 -33.08 -10.16
N LYS B 152 6.90 -34.01 -10.03
CA LYS B 152 6.76 -35.37 -10.53
C LYS B 152 7.08 -36.34 -9.40
N VAL B 153 6.20 -37.32 -9.22
CA VAL B 153 6.39 -38.39 -8.25
C VAL B 153 6.40 -39.69 -9.04
N ASP B 154 7.53 -40.39 -9.02
CA ASP B 154 7.81 -41.51 -9.92
C ASP B 154 7.35 -41.20 -11.32
N ASN B 155 7.66 -39.99 -11.79
CA ASN B 155 7.35 -39.47 -13.12
C ASN B 155 5.87 -39.21 -13.35
N ALA B 156 5.04 -39.33 -12.32
CA ALA B 156 3.64 -38.92 -12.43
C ALA B 156 3.53 -37.42 -12.17
N LEU B 157 3.05 -36.67 -13.15
CA LEU B 157 2.84 -35.24 -12.96
C LEU B 157 1.79 -35.02 -11.88
N GLN B 158 2.10 -34.15 -10.92
CA GLN B 158 1.21 -33.86 -9.81
C GLN B 158 0.27 -32.70 -10.16
N SER B 159 -0.81 -32.60 -9.41
CA SER B 159 -1.84 -31.60 -9.65
C SER B 159 -2.61 -31.38 -8.36
N GLY B 160 -2.73 -30.13 -7.94
CA GLY B 160 -3.57 -29.81 -6.80
C GLY B 160 -2.94 -29.98 -5.44
N ASN B 161 -1.71 -30.50 -5.34
CA ASN B 161 -1.15 -30.75 -4.02
C ASN B 161 0.14 -29.96 -3.76
N SER B 162 0.37 -28.87 -4.50
CA SER B 162 1.45 -27.95 -4.20
C SER B 162 0.91 -26.53 -4.13
N GLN B 163 1.57 -25.72 -3.32
CA GLN B 163 1.31 -24.29 -3.21
C GLN B 163 2.64 -23.54 -3.36
N GLU B 164 2.63 -22.45 -4.10
CA GLU B 164 3.88 -21.73 -4.30
C GLU B 164 3.75 -20.27 -3.85
N SER B 165 4.89 -19.62 -3.78
CA SER B 165 5.03 -18.32 -3.13
C SER B 165 6.26 -17.63 -3.71
N VAL B 166 6.14 -16.37 -4.07
CA VAL B 166 7.21 -15.63 -4.69
C VAL B 166 7.57 -14.41 -3.92
N THR B 167 8.85 -14.10 -3.80
CA THR B 167 9.27 -12.91 -3.11
C THR B 167 9.08 -11.65 -3.90
N GLU B 168 9.30 -10.58 -3.21
CA GLU B 168 9.25 -9.27 -3.86
C GLU B 168 10.57 -9.05 -4.61
N GLN B 169 10.60 -8.14 -5.55
CA GLN B 169 11.83 -7.94 -6.31
C GLN B 169 13.00 -7.63 -5.37
N ASP B 170 14.10 -8.35 -5.55
CA ASP B 170 15.24 -8.12 -4.68
C ASP B 170 15.83 -6.73 -4.91
N SER B 171 16.13 -6.03 -3.83
CA SER B 171 16.60 -4.66 -3.95
C SER B 171 18.04 -4.57 -4.43
N LYS B 172 18.83 -5.64 -4.33
CA LYS B 172 20.23 -5.57 -4.75
C LYS B 172 20.46 -6.07 -6.17
N ASP B 173 19.91 -7.23 -6.55
CA ASP B 173 20.11 -7.74 -7.90
C ASP B 173 18.84 -7.76 -8.75
N SER B 174 17.72 -7.25 -8.22
CA SER B 174 16.47 -7.10 -8.97
C SER B 174 15.91 -8.41 -9.48
N THR B 175 16.21 -9.52 -8.80
CA THR B 175 15.66 -10.81 -9.17
C THR B 175 14.48 -11.17 -8.28
N TYR B 176 13.83 -12.26 -8.64
CA TYR B 176 12.75 -12.86 -7.89
C TYR B 176 13.19 -14.26 -7.45
N SER B 177 12.56 -14.73 -6.38
CA SER B 177 12.75 -16.08 -5.89
C SER B 177 11.40 -16.72 -5.64
N LEU B 178 11.33 -18.02 -5.75
CA LEU B 178 10.11 -18.74 -5.60
C LEU B 178 10.30 -20.05 -4.86
N SER B 179 9.39 -20.38 -3.95
CA SER B 179 9.38 -21.67 -3.29
C SER B 179 8.05 -22.36 -3.56
N SER B 180 8.13 -23.62 -3.98
CA SER B 180 6.96 -24.46 -4.18
C SER B 180 7.00 -25.59 -3.15
N THR B 181 5.90 -25.80 -2.44
CA THR B 181 5.84 -26.80 -1.38
C THR B 181 4.81 -27.85 -1.74
N LEU B 182 5.25 -29.09 -1.89
CA LEU B 182 4.38 -30.22 -2.16
C LEU B 182 4.14 -30.95 -0.85
N THR B 183 2.87 -31.13 -0.47
CA THR B 183 2.58 -31.81 0.77
C THR B 183 1.84 -33.10 0.48
N LEU B 184 2.22 -34.15 1.19
CA LEU B 184 1.55 -35.43 1.16
C LEU B 184 1.51 -35.94 2.58
N SER B 185 0.60 -36.88 2.83
CA SER B 185 0.66 -37.62 4.09
C SER B 185 1.90 -38.52 4.09
N LYS B 186 2.37 -38.84 5.29
CA LYS B 186 3.48 -39.78 5.40
C LYS B 186 3.19 -41.07 4.64
N ALA B 187 1.96 -41.56 4.72
CA ALA B 187 1.61 -42.82 4.10
C ALA B 187 1.81 -42.78 2.59
N ASP B 188 1.37 -41.71 1.94
CA ASP B 188 1.59 -41.63 0.49
C ASP B 188 3.02 -41.29 0.16
N TYR B 189 3.71 -40.53 1.01
CA TYR B 189 5.11 -40.24 0.78
C TYR B 189 5.92 -41.53 0.67
N GLU B 190 5.67 -42.46 1.60
CA GLU B 190 6.38 -43.73 1.64
C GLU B 190 5.93 -44.72 0.57
N LYS B 191 4.91 -44.39 -0.22
CA LYS B 191 4.53 -45.24 -1.33
C LYS B 191 5.33 -45.00 -2.59
N HIS B 192 6.29 -44.07 -2.59
CA HIS B 192 6.97 -43.71 -3.81
C HIS B 192 8.44 -43.45 -3.53
N LYS B 193 9.23 -43.48 -4.59
CA LYS B 193 10.67 -43.32 -4.48
C LYS B 193 11.15 -41.97 -4.99
N VAL B 194 10.92 -41.63 -6.26
CA VAL B 194 11.60 -40.52 -6.91
C VAL B 194 10.74 -39.26 -6.86
N TYR B 195 11.21 -38.25 -6.15
CA TYR B 195 10.56 -36.94 -6.04
C TYR B 195 11.36 -35.92 -6.83
N ALA B 196 10.73 -35.35 -7.86
CA ALA B 196 11.39 -34.46 -8.82
C ALA B 196 10.64 -33.14 -8.95
N CYS B 197 11.41 -32.07 -9.10
CA CYS B 197 10.93 -30.72 -9.37
C CYS B 197 11.50 -30.29 -10.71
N GLU B 198 10.62 -30.03 -11.68
CA GLU B 198 11.05 -29.64 -13.02
C GLU B 198 10.74 -28.16 -13.24
N VAL B 199 11.75 -27.38 -13.61
CA VAL B 199 11.62 -25.92 -13.68
C VAL B 199 11.81 -25.47 -15.12
N THR B 200 10.89 -24.62 -15.59
CA THR B 200 10.94 -24.03 -16.92
C THR B 200 10.99 -22.52 -16.77
N HIS B 201 11.90 -21.87 -17.49
CA HIS B 201 12.15 -20.44 -17.38
C HIS B 201 12.85 -19.97 -18.63
N GLN B 202 12.64 -18.70 -18.97
CA GLN B 202 13.23 -18.15 -20.17
C GLN B 202 14.75 -18.24 -20.16
N GLY B 203 15.39 -18.13 -19.00
CA GLY B 203 16.84 -18.27 -18.98
C GLY B 203 17.37 -19.69 -19.07
N LEU B 204 16.49 -20.70 -19.08
CA LEU B 204 16.92 -22.09 -19.17
C LEU B 204 16.60 -22.60 -20.57
N SER B 205 17.64 -22.93 -21.34
CA SER B 205 17.44 -23.39 -22.70
C SER B 205 16.62 -24.67 -22.77
N SER B 206 16.57 -25.45 -21.69
CA SER B 206 15.66 -26.57 -21.56
C SER B 206 15.35 -26.78 -20.10
N PRO B 207 14.20 -27.38 -19.75
CA PRO B 207 13.83 -27.55 -18.35
C PRO B 207 14.93 -28.18 -17.50
N VAL B 208 14.98 -27.82 -16.24
CA VAL B 208 15.96 -28.31 -15.30
C VAL B 208 15.20 -29.05 -14.24
N THR B 209 15.70 -30.22 -13.85
CA THR B 209 15.04 -31.04 -12.86
C THR B 209 15.90 -31.36 -11.66
N LYS B 210 15.38 -31.21 -10.46
CA LYS B 210 16.11 -31.56 -9.28
C LYS B 210 15.36 -32.71 -8.65
N SER B 211 16.07 -33.72 -8.19
CA SER B 211 15.42 -34.95 -7.77
C SER B 211 16.13 -35.51 -6.55
N PHE B 212 15.41 -36.37 -5.84
CA PHE B 212 16.01 -37.22 -4.84
C PHE B 212 15.19 -38.50 -4.76
N ASN B 213 15.84 -39.55 -4.26
CA ASN B 213 15.17 -40.80 -3.93
C ASN B 213 14.96 -40.82 -2.43
N ARG B 214 13.73 -41.12 -2.01
CA ARG B 214 13.45 -41.24 -0.59
C ARG B 214 14.27 -42.38 -0.01
N GLY B 215 15.14 -42.08 0.96
CA GLY B 215 16.08 -43.04 1.52
C GLY B 215 17.54 -42.67 1.33
N GLU B 216 17.85 -41.88 0.30
CA GLU B 216 19.18 -41.33 -0.06
C GLU B 216 19.88 -42.28 -1.03
N LEU C 25 -24.10 16.58 -0.37
CA LEU C 25 -23.46 17.30 -1.44
C LEU C 25 -22.93 16.33 -2.47
N ASP C 26 -21.86 16.73 -3.14
CA ASP C 26 -21.21 15.88 -4.10
C ASP C 26 -20.03 15.36 -3.29
N SER C 27 -19.57 16.25 -2.44
CA SER C 27 -18.46 16.14 -1.50
C SER C 27 -18.91 15.64 -0.13
N PRO C 28 -18.25 14.62 0.41
CA PRO C 28 -18.49 14.23 1.82
C PRO C 28 -17.85 15.12 2.87
N ASP C 29 -17.07 16.14 2.48
CA ASP C 29 -16.41 17.02 3.42
C ASP C 29 -17.25 18.27 3.70
N ARG C 30 -16.97 18.91 4.84
CA ARG C 30 -17.70 20.13 5.20
C ARG C 30 -17.23 21.27 4.30
N PRO C 31 -18.16 22.01 3.68
CA PRO C 31 -17.76 23.15 2.85
C PRO C 31 -17.19 24.27 3.71
N TRP C 32 -16.31 25.06 3.12
CA TRP C 32 -15.79 26.23 3.83
C TRP C 32 -15.80 27.44 2.92
N ASN C 33 -15.92 28.59 3.54
CA ASN C 33 -16.07 29.89 2.90
C ASN C 33 -14.70 30.47 2.55
N PRO C 34 -14.61 31.08 1.38
CA PRO C 34 -13.35 31.70 0.97
C PRO C 34 -13.06 32.90 1.84
N PRO C 35 -11.80 33.30 1.96
CA PRO C 35 -11.48 34.52 2.69
C PRO C 35 -12.02 35.72 1.94
N THR C 36 -12.20 36.81 2.68
CA THR C 36 -12.59 38.10 2.12
C THR C 36 -11.41 39.05 2.19
N PHE C 37 -11.28 39.87 1.15
CA PHE C 37 -10.15 40.78 1.00
C PHE C 37 -10.71 42.19 0.92
N SER C 38 -10.27 43.06 1.82
CA SER C 38 -10.82 44.41 1.89
C SER C 38 -9.73 45.46 2.13
N PRO C 39 -9.96 46.69 1.64
CA PRO C 39 -11.14 47.18 0.90
C PRO C 39 -11.11 46.88 -0.61
N ALA C 40 -12.29 46.82 -1.24
CA ALA C 40 -12.38 46.45 -2.66
C ALA C 40 -11.56 47.37 -3.56
N LEU C 41 -11.23 48.57 -3.10
CA LEU C 41 -10.18 49.34 -3.75
C LEU C 41 -9.57 50.27 -2.72
N LEU C 42 -8.26 50.18 -2.56
CA LEU C 42 -7.50 50.99 -1.63
C LEU C 42 -6.73 52.03 -2.44
N VAL C 43 -6.77 53.29 -2.00
CA VAL C 43 -6.08 54.37 -2.70
C VAL C 43 -5.16 55.07 -1.70
N VAL C 44 -3.87 54.92 -1.91
CA VAL C 44 -2.87 55.59 -1.08
C VAL C 44 -1.80 56.16 -2.00
N THR C 45 -1.28 57.34 -1.64
CA THR C 45 -0.25 58.00 -2.43
C THR C 45 1.14 57.48 -2.04
N GLU C 46 2.11 57.78 -2.91
CA GLU C 46 3.44 57.19 -2.91
C GLU C 46 4.15 57.25 -1.56
N GLY C 47 5.20 56.45 -1.41
CA GLY C 47 6.04 56.45 -0.22
C GLY C 47 5.37 55.99 1.05
N ASP C 48 4.05 55.82 1.06
CA ASP C 48 3.31 55.44 2.25
C ASP C 48 3.13 53.92 2.34
N ASN C 49 2.55 53.49 3.45
CA ASN C 49 2.18 52.10 3.65
C ASN C 49 0.71 51.93 3.25
N ALA C 50 0.41 50.84 2.53
CA ALA C 50 -0.95 50.43 2.21
C ALA C 50 -1.22 49.06 2.83
N THR C 51 -2.47 48.84 3.23
CA THR C 51 -2.77 47.68 4.06
C THR C 51 -4.16 47.14 3.73
N PHE C 52 -4.21 45.89 3.31
CA PHE C 52 -5.46 45.17 3.12
C PHE C 52 -5.75 44.28 4.34
N THR C 53 -7.02 43.91 4.50
CA THR C 53 -7.44 42.95 5.52
C THR C 53 -7.94 41.70 4.82
N CYS C 54 -7.23 40.58 5.01
CA CYS C 54 -7.73 39.27 4.64
C CYS C 54 -8.44 38.68 5.85
N SER C 55 -9.76 38.52 5.74
CA SER C 55 -10.59 37.94 6.79
C SER C 55 -10.94 36.50 6.42
N PHE C 56 -10.31 35.54 7.09
CA PHE C 56 -10.56 34.13 6.82
C PHE C 56 -11.12 33.44 8.06
N SER C 57 -12.35 32.93 7.95
CA SER C 57 -13.01 32.17 9.02
C SER C 57 -12.65 30.69 8.87
N ASN C 58 -11.52 30.32 9.46
CA ASN C 58 -11.00 28.96 9.42
C ASN C 58 -11.93 28.00 10.15
N THR C 59 -11.77 26.71 9.86
CA THR C 59 -12.53 25.68 10.56
C THR C 59 -11.54 24.65 11.09
N SER C 60 -10.41 24.52 10.40
CA SER C 60 -9.29 23.76 10.89
C SER C 60 -8.19 24.72 11.32
N GLU C 61 -7.13 24.17 11.89
CA GLU C 61 -5.90 24.92 12.09
C GLU C 61 -4.89 24.66 10.99
N SER C 62 -5.24 23.85 9.99
CA SER C 62 -4.31 23.33 9.01
C SER C 62 -4.60 24.01 7.67
N PHE C 63 -4.06 25.22 7.54
CA PHE C 63 -4.14 25.97 6.30
C PHE C 63 -2.94 26.90 6.26
N VAL C 64 -2.68 27.44 5.08
CA VAL C 64 -1.78 28.57 4.90
C VAL C 64 -2.51 29.64 4.12
N LEU C 65 -2.12 30.88 4.34
CA LEU C 65 -2.71 32.03 3.70
C LEU C 65 -1.68 32.67 2.78
N ASN C 66 -2.06 32.88 1.53
CA ASN C 66 -1.16 33.46 0.54
C ASN C 66 -1.69 34.79 0.07
N TRP C 67 -0.76 35.70 -0.23
CA TRP C 67 -1.07 37.00 -0.79
C TRP C 67 -0.57 37.05 -2.22
N TYR C 68 -1.48 37.21 -3.17
CA TYR C 68 -1.17 37.14 -4.59
C TYR C 68 -1.35 38.49 -5.26
N ARG C 69 -0.77 38.61 -6.45
CA ARG C 69 -0.93 39.78 -7.30
C ARG C 69 -1.22 39.30 -8.72
N MET C 70 -2.23 39.88 -9.34
CA MET C 70 -2.62 39.54 -10.70
C MET C 70 -2.08 40.59 -11.67
N SER C 71 -1.31 40.18 -12.63
CA SER C 71 -0.91 41.12 -13.65
C SER C 71 -2.13 41.38 -14.57
N PRO C 72 -1.99 42.32 -15.50
CA PRO C 72 -3.07 42.61 -16.43
C PRO C 72 -3.49 41.41 -17.21
N SER C 73 -2.61 40.44 -17.38
CA SER C 73 -2.95 39.25 -18.11
C SER C 73 -3.34 38.10 -17.22
N ASN C 74 -3.77 38.41 -16.01
CA ASN C 74 -4.19 37.42 -15.03
C ASN C 74 -3.14 36.36 -14.68
N GLN C 75 -1.87 36.74 -14.60
CA GLN C 75 -0.83 35.78 -14.19
C GLN C 75 -0.58 36.00 -12.71
N THR C 76 -0.23 34.98 -11.95
CA THR C 76 -0.19 35.13 -10.51
C THR C 76 1.25 35.33 -10.03
N ASP C 77 1.41 36.14 -8.99
CA ASP C 77 2.70 36.31 -8.34
C ASP C 77 2.48 36.23 -6.83
N LYS C 78 3.14 35.27 -6.17
CA LYS C 78 3.00 35.10 -4.73
C LYS C 78 3.89 36.10 -4.03
N LEU C 79 3.28 37.06 -3.32
CA LEU C 79 4.04 38.10 -2.64
C LEU C 79 4.59 37.61 -1.29
N ALA C 80 3.70 37.17 -0.41
CA ALA C 80 4.07 36.73 0.92
C ALA C 80 3.09 35.66 1.36
N ALA C 81 3.36 35.09 2.53
CA ALA C 81 2.59 33.94 2.98
C ALA C 81 2.69 33.82 4.50
N PHE C 82 1.56 33.49 5.13
CA PHE C 82 1.59 33.18 6.55
C PHE C 82 1.15 31.75 6.83
N PRO C 83 1.97 31.00 7.56
CA PRO C 83 3.30 31.39 8.07
C PRO C 83 4.33 31.68 6.97
N GLU C 84 5.43 32.34 7.35
CA GLU C 84 6.44 32.82 6.39
C GLU C 84 7.16 31.66 5.70
N ARG C 94 9.65 43.67 0.63
CA ARG C 94 8.78 44.84 0.64
C ARG C 94 7.37 44.51 1.12
N PHE C 95 7.00 43.24 1.05
CA PHE C 95 5.64 42.80 1.28
C PHE C 95 5.53 41.99 2.57
N ARG C 96 4.62 42.42 3.47
CA ARG C 96 4.48 41.84 4.80
C ARG C 96 3.07 41.29 5.03
N VAL C 97 3.01 40.20 5.81
CA VAL C 97 1.75 39.59 6.23
C VAL C 97 1.80 39.38 7.74
N THR C 98 0.85 39.97 8.45
CA THR C 98 0.80 39.86 9.90
C THR C 98 -0.56 39.30 10.32
N GLN C 99 -0.55 38.45 11.34
CA GLN C 99 -1.74 37.75 11.80
C GLN C 99 -2.26 38.41 13.07
N LEU C 100 -3.49 38.90 13.01
CA LEU C 100 -4.12 39.61 14.11
C LEU C 100 -4.41 38.65 15.28
N PRO C 101 -4.53 39.18 16.49
CA PRO C 101 -4.84 38.31 17.64
C PRO C 101 -6.28 37.81 17.66
N ASN C 102 -7.17 38.39 16.86
CA ASN C 102 -8.57 37.97 16.84
C ASN C 102 -8.75 36.55 16.31
N GLY C 103 -7.70 35.92 15.80
CA GLY C 103 -7.82 34.60 15.23
C GLY C 103 -8.34 34.58 13.81
N ARG C 104 -9.11 35.60 13.42
CA ARG C 104 -9.75 35.65 12.10
C ARG C 104 -8.94 36.43 11.07
N ASP C 105 -8.56 37.66 11.39
CA ASP C 105 -8.08 38.59 10.37
C ASP C 105 -6.55 38.55 10.22
N PHE C 106 -6.11 38.97 9.04
CA PHE C 106 -4.71 39.19 8.71
C PHE C 106 -4.60 40.52 7.97
N HIS C 107 -3.44 41.15 8.10
CA HIS C 107 -3.19 42.41 7.41
C HIS C 107 -2.01 42.25 6.47
N MET C 108 -2.24 42.58 5.19
CA MET C 108 -1.24 42.52 4.14
C MET C 108 -0.77 43.93 3.84
N SER C 109 0.48 44.21 4.12
CA SER C 109 0.95 45.55 3.99
C SER C 109 2.19 45.77 3.17
N VAL C 110 2.04 46.50 2.08
CA VAL C 110 3.20 46.85 1.30
C VAL C 110 3.77 48.09 1.98
N VAL C 111 5.07 48.13 2.16
CA VAL C 111 5.66 49.28 2.81
C VAL C 111 6.30 50.14 1.73
N ARG C 112 6.19 51.45 1.91
CA ARG C 112 6.73 52.44 1.00
C ARG C 112 6.40 52.05 -0.43
N ALA C 113 5.14 52.28 -0.72
CA ALA C 113 4.45 52.00 -1.97
C ALA C 113 4.91 52.67 -3.26
N ARG C 114 5.61 51.94 -4.10
CA ARG C 114 5.92 52.40 -5.44
C ARG C 114 4.70 52.33 -6.37
N ARG C 115 4.69 53.14 -7.39
CA ARG C 115 3.53 53.15 -8.24
C ARG C 115 3.59 52.12 -9.35
N ASN C 116 4.76 51.49 -9.55
CA ASN C 116 4.68 50.25 -10.32
C ASN C 116 3.99 49.10 -9.50
N ASP C 117 3.49 49.47 -8.31
CA ASP C 117 2.67 48.62 -7.46
C ASP C 117 1.19 48.76 -7.74
N SER C 118 0.79 49.65 -8.65
CA SER C 118 -0.61 49.78 -9.00
C SER C 118 -1.15 48.46 -9.52
N GLY C 119 -2.45 48.24 -9.31
CA GLY C 119 -3.10 47.08 -9.88
C GLY C 119 -3.93 46.24 -8.91
N THR C 120 -3.59 44.96 -8.80
CA THR C 120 -4.52 43.94 -8.34
C THR C 120 -3.83 43.00 -7.37
N TYR C 121 -4.36 42.90 -6.16
CA TYR C 121 -3.84 42.01 -5.15
C TYR C 121 -5.01 41.26 -4.54
N LEU C 122 -4.76 40.02 -4.11
CA LEU C 122 -5.81 39.22 -3.47
C LEU C 122 -5.15 38.19 -2.56
N CYS C 123 -5.99 37.55 -1.74
CA CYS C 123 -5.51 36.50 -0.84
C CYS C 123 -6.20 35.18 -1.14
N GLY C 124 -5.53 34.11 -0.74
CA GLY C 124 -6.08 32.78 -0.87
C GLY C 124 -5.62 31.86 0.23
N ALA C 125 -6.49 30.97 0.69
CA ALA C 125 -6.14 29.98 1.70
C ALA C 125 -5.99 28.61 1.04
N ILE C 126 -4.95 27.88 1.44
CA ILE C 126 -4.69 26.54 0.93
C ILE C 126 -4.64 25.57 2.11
N SER C 127 -5.40 24.48 2.01
CA SER C 127 -5.36 23.48 3.06
C SER C 127 -4.09 22.65 2.95
N LEU C 128 -3.73 21.99 4.04
CA LEU C 128 -2.47 21.27 4.14
C LEU C 128 -2.62 19.76 3.95
N ALA C 129 -3.85 19.26 3.86
CA ALA C 129 -4.09 17.84 3.67
C ALA C 129 -3.55 17.39 2.31
N PRO C 130 -3.29 16.08 2.15
CA PRO C 130 -2.87 15.58 0.83
C PRO C 130 -3.71 16.10 -0.32
N LYS C 131 -5.03 15.93 -0.24
CA LYS C 131 -5.94 16.46 -1.27
C LYS C 131 -6.14 17.95 -0.97
N ALA C 132 -5.14 18.74 -1.35
CA ALA C 132 -5.16 20.16 -1.04
C ALA C 132 -6.31 20.86 -1.76
N GLN C 133 -6.94 21.78 -1.06
CA GLN C 133 -7.99 22.63 -1.60
C GLN C 133 -7.58 24.08 -1.45
N ILE C 134 -7.90 24.91 -2.43
CA ILE C 134 -7.59 26.34 -2.35
C ILE C 134 -8.85 27.14 -2.64
N LYS C 135 -9.15 28.11 -1.76
CA LYS C 135 -10.22 29.08 -1.92
C LYS C 135 -9.59 30.46 -1.99
N GLU C 136 -9.94 31.22 -3.02
CA GLU C 136 -9.38 32.54 -3.24
C GLU C 136 -10.38 33.62 -2.85
N SER C 137 -9.86 34.74 -2.38
CA SER C 137 -10.71 35.87 -2.05
C SER C 137 -11.21 36.55 -3.31
N LEU C 138 -12.27 37.34 -3.15
CA LEU C 138 -12.61 38.28 -4.20
C LEU C 138 -11.46 39.26 -4.40
N ARG C 139 -11.58 40.03 -5.47
CA ARG C 139 -10.46 40.77 -6.02
C ARG C 139 -10.53 42.24 -5.65
N ALA C 140 -9.41 42.79 -5.21
CA ALA C 140 -9.30 44.19 -4.83
C ALA C 140 -8.32 44.91 -5.73
N GLU C 141 -8.40 46.23 -5.72
CA GLU C 141 -7.52 47.07 -6.54
C GLU C 141 -6.72 48.02 -5.66
N LEU C 142 -5.46 48.26 -6.01
CA LEU C 142 -4.62 49.18 -5.25
C LEU C 142 -4.36 50.43 -6.08
#